data_7N3V
#
_entry.id   7N3V
#
_cell.length_a   34.540
_cell.length_b   57.540
_cell.length_c   73.812
_cell.angle_alpha   102.570
_cell.angle_beta   90.170
_cell.angle_gamma   100.230
#
_symmetry.space_group_name_H-M   'P 1'
#
loop_
_entity.id
_entity.type
_entity.pdbx_description
1 polymer LmcA
2 non-polymer 'SULFATE ION'
3 non-polymer GLYCEROL
4 water water
#
_entity_poly.entity_id   1
_entity_poly.type   'polypeptide(L)'
_entity_poly.pdbx_seq_one_letter_code
;MPEVVFGSTYTKGKIAKIPLDIDTSLVSDGTATAFDPDSLVAERFKIDRDVPVALQQQMSVEAPSNADVVTFQVGTTLRR
TDRQQDAGLLLALVDTVTMNRNTAEAVSSENNPGGAVQKPRAIEDEKPPTNIALPHEGLTYRFPFDTEKKTYPFFDPIAQ
KAFDANYDGEEDVNGLTTYRFVQNVGYDADGKLADPIKYSSLYEDDADASVTARAEVWGVPGEPDESITMDRFYAASRTF
WVDPVSGTIVKSEEHGYQYYAREALKPEVTYVDFKVTTNEESVESQVAAASDERDRIALWTRSRHHHHHH
;
_entity_poly.pdbx_strand_id   A,B
#
loop_
_chem_comp.id
_chem_comp.type
_chem_comp.name
_chem_comp.formula
GOL non-polymer GLYCEROL 'C3 H8 O3'
SO4 non-polymer 'SULFATE ION' 'O4 S -2'
#
# COMPACT_ATOMS: atom_id res chain seq x y z
N ILE A 15 -10.53 11.12 -0.02
CA ILE A 15 -9.82 11.09 -1.29
C ILE A 15 -9.03 9.77 -1.50
N ALA A 16 -8.30 9.32 -0.48
CA ALA A 16 -7.46 8.14 -0.54
C ALA A 16 -8.32 6.90 -0.83
N LYS A 17 -7.73 5.89 -1.45
CA LYS A 17 -8.48 4.68 -1.77
C LYS A 17 -7.74 3.48 -1.23
N ILE A 18 -8.52 2.45 -0.79
CA ILE A 18 -7.93 1.21 -0.32
C ILE A 18 -7.18 0.62 -1.53
N PRO A 19 -5.90 0.21 -1.39
CA PRO A 19 -5.18 -0.36 -2.54
C PRO A 19 -5.71 -1.71 -2.98
N LEU A 20 -5.48 -2.06 -4.26
CA LEU A 20 -5.92 -3.35 -4.83
C LEU A 20 -4.87 -4.44 -4.70
N ASP A 21 -3.68 -4.11 -4.16
CA ASP A 21 -2.61 -5.09 -4.05
C ASP A 21 -2.45 -5.69 -2.64
N ILE A 22 -3.49 -5.56 -1.79
CA ILE A 22 -3.43 -6.13 -0.43
C ILE A 22 -3.38 -7.66 -0.50
N ASP A 23 -2.38 -8.23 0.15
CA ASP A 23 -2.21 -9.67 0.21
C ASP A 23 -1.48 -9.86 1.54
N THR A 24 -2.24 -10.11 2.64
CA THR A 24 -1.62 -10.21 3.97
C THR A 24 -1.87 -11.58 4.59
N SER A 25 -0.94 -11.99 5.47
CA SER A 25 -1.04 -13.23 6.22
C SER A 25 -0.64 -12.85 7.63
N LEU A 26 -1.63 -12.76 8.53
CA LEU A 26 -1.42 -12.31 9.89
C LEU A 26 -1.74 -13.41 10.86
N VAL A 27 -0.88 -13.57 11.89
CA VAL A 27 -1.04 -14.64 12.89
C VAL A 27 -1.20 -14.01 14.26
N SER A 28 -2.16 -14.55 15.05
CA SER A 28 -2.43 -14.12 16.41
C SER A 28 -2.27 -15.36 17.29
N ASP A 29 -1.40 -15.28 18.30
CA ASP A 29 -1.20 -16.41 19.19
C ASP A 29 -1.97 -16.22 20.48
N GLY A 30 -2.28 -17.33 21.12
CA GLY A 30 -2.99 -17.31 22.38
C GLY A 30 -3.27 -18.68 22.92
N THR A 31 -4.38 -18.78 23.68
CA THR A 31 -4.76 -20.01 24.41
C THR A 31 -6.21 -20.27 24.16
N ALA A 32 -6.62 -21.54 24.28
CA ALA A 32 -8.02 -21.91 24.14
C ALA A 32 -8.37 -23.10 24.98
N THR A 33 -9.66 -23.25 25.20
CA THR A 33 -10.27 -24.47 25.69
C THR A 33 -11.05 -24.93 24.49
N ALA A 34 -10.86 -26.18 24.07
CA ALA A 34 -11.57 -26.60 22.88
C ALA A 34 -11.89 -28.07 22.85
N PHE A 35 -12.99 -28.39 22.17
CA PHE A 35 -13.40 -29.75 21.85
C PHE A 35 -12.34 -30.35 20.95
N ASP A 36 -11.97 -31.62 21.20
CA ASP A 36 -10.99 -32.31 20.38
C ASP A 36 -11.78 -32.91 19.19
N PRO A 37 -11.58 -32.41 17.95
CA PRO A 37 -12.35 -32.96 16.81
C PRO A 37 -12.29 -34.49 16.68
N ASP A 38 -11.16 -35.08 17.09
CA ASP A 38 -10.91 -36.52 17.02
C ASP A 38 -11.62 -37.37 18.07
N SER A 39 -12.41 -36.74 18.97
CA SER A 39 -13.15 -37.44 20.02
C SER A 39 -14.65 -37.53 19.66
N LEU A 40 -15.01 -37.06 18.44
CA LEU A 40 -16.40 -37.02 17.99
C LEU A 40 -17.16 -38.33 18.19
N VAL A 41 -16.50 -39.48 17.95
CA VAL A 41 -17.21 -40.76 18.08
C VAL A 41 -16.72 -41.59 19.30
N ALA A 42 -15.95 -40.97 20.20
CA ALA A 42 -15.46 -41.63 21.42
C ALA A 42 -16.59 -41.85 22.46
N GLU A 43 -16.26 -42.44 23.62
CA GLU A 43 -17.22 -42.71 24.71
C GLU A 43 -17.65 -41.41 25.39
N ARG A 44 -16.78 -40.39 25.41
CA ARG A 44 -17.08 -39.09 26.00
C ARG A 44 -16.51 -37.98 25.12
N PHE A 45 -17.21 -36.85 25.02
CA PHE A 45 -16.71 -35.69 24.27
C PHE A 45 -15.49 -35.15 25.02
N LYS A 46 -14.37 -35.03 24.35
CA LYS A 46 -13.16 -34.59 25.02
C LYS A 46 -12.96 -33.09 24.85
N ILE A 47 -12.75 -32.40 25.97
CA ILE A 47 -12.51 -30.95 25.96
C ILE A 47 -11.09 -30.74 26.46
N ASP A 48 -10.21 -30.21 25.62
CA ASP A 48 -8.83 -29.92 26.02
C ASP A 48 -8.76 -28.48 26.55
N ARG A 49 -8.15 -28.31 27.71
CA ARG A 49 -8.06 -27.02 28.36
C ARG A 49 -6.68 -26.43 28.31
N ASP A 50 -6.62 -25.10 28.24
CA ASP A 50 -5.35 -24.32 28.26
C ASP A 50 -4.41 -24.78 27.15
N VAL A 51 -4.96 -24.93 25.95
CA VAL A 51 -4.25 -25.37 24.73
C VAL A 51 -3.64 -24.16 23.98
N PRO A 52 -2.33 -24.19 23.57
CA PRO A 52 -1.76 -23.06 22.80
C PRO A 52 -2.28 -23.11 21.36
N VAL A 53 -2.74 -21.95 20.88
CA VAL A 53 -3.35 -21.85 19.57
C VAL A 53 -2.76 -20.70 18.76
N ALA A 54 -3.00 -20.74 17.44
CA ALA A 54 -2.63 -19.65 16.52
C ALA A 54 -3.81 -19.45 15.61
N LEU A 55 -4.25 -18.20 15.48
CA LEU A 55 -5.36 -17.83 14.61
C LEU A 55 -4.70 -17.13 13.43
N GLN A 56 -4.81 -17.71 12.22
CA GLN A 56 -4.17 -17.13 11.02
C GLN A 56 -5.24 -16.55 10.12
N GLN A 57 -5.00 -15.35 9.62
CA GLN A 57 -5.96 -14.69 8.74
C GLN A 57 -5.24 -14.39 7.42
N GLN A 58 -5.71 -14.97 6.29
CA GLN A 58 -5.11 -14.71 4.97
C GLN A 58 -6.10 -13.80 4.28
N MET A 59 -5.66 -12.65 3.82
CA MET A 59 -6.55 -11.70 3.15
C MET A 59 -5.99 -11.41 1.76
N SER A 60 -6.79 -11.54 0.72
CA SER A 60 -6.34 -11.22 -0.63
C SER A 60 -7.45 -10.49 -1.36
N VAL A 61 -7.09 -9.73 -2.38
CA VAL A 61 -8.06 -9.00 -3.22
C VAL A 61 -8.47 -9.90 -4.37
N GLU A 62 -9.76 -9.83 -4.71
CA GLU A 62 -10.36 -10.64 -5.75
C GLU A 62 -11.33 -9.74 -6.51
N ALA A 63 -11.87 -10.27 -7.62
CA ALA A 63 -12.88 -9.60 -8.40
C ALA A 63 -14.22 -9.69 -7.63
N PRO A 64 -15.13 -8.70 -7.72
CA PRO A 64 -15.02 -7.42 -8.44
C PRO A 64 -14.26 -6.35 -7.66
N SER A 65 -13.27 -5.75 -8.32
CA SER A 65 -12.48 -4.66 -7.77
C SER A 65 -12.25 -3.71 -8.93
N ASN A 66 -12.46 -2.42 -8.70
CA ASN A 66 -12.34 -1.43 -9.77
C ASN A 66 -12.05 -0.08 -9.15
N ALA A 67 -12.37 1.05 -9.84
CA ALA A 67 -12.10 2.38 -9.28
C ALA A 67 -12.94 2.68 -7.98
N ASP A 68 -14.11 2.05 -7.82
CA ASP A 68 -15.02 2.31 -6.72
C ASP A 68 -14.98 1.32 -5.56
N VAL A 69 -14.84 0.05 -5.88
CA VAL A 69 -14.94 -1.04 -4.89
C VAL A 69 -13.73 -1.95 -4.88
N VAL A 70 -13.57 -2.67 -3.76
CA VAL A 70 -12.52 -3.68 -3.60
C VAL A 70 -13.14 -4.89 -2.91
N THR A 71 -12.86 -6.09 -3.43
CA THR A 71 -13.38 -7.31 -2.81
C THR A 71 -12.25 -8.03 -2.12
N PHE A 72 -12.43 -8.38 -0.81
N PHE A 72 -12.45 -8.38 -0.84
CA PHE A 72 -11.44 -9.14 -0.05
CA PHE A 72 -11.49 -9.17 -0.07
C PHE A 72 -11.98 -10.54 0.26
C PHE A 72 -12.04 -10.58 0.07
N GLN A 73 -11.16 -11.59 0.02
CA GLN A 73 -11.51 -12.96 0.38
C GLN A 73 -10.62 -13.19 1.60
N VAL A 74 -11.23 -13.55 2.74
CA VAL A 74 -10.48 -13.70 3.98
C VAL A 74 -10.67 -15.12 4.50
N GLY A 75 -9.56 -15.85 4.64
CA GLY A 75 -9.57 -17.21 5.17
C GLY A 75 -9.00 -17.19 6.57
N THR A 76 -9.73 -17.71 7.54
CA THR A 76 -9.30 -17.67 8.94
C THR A 76 -9.26 -19.08 9.47
N THR A 77 -8.16 -19.45 10.13
CA THR A 77 -8.03 -20.79 10.67
C THR A 77 -7.54 -20.68 12.11
N LEU A 78 -7.95 -21.62 12.96
CA LEU A 78 -7.46 -21.66 14.34
C LEU A 78 -6.90 -23.05 14.53
N ARG A 79 -5.65 -23.13 15.00
CA ARG A 79 -5.07 -24.45 15.17
C ARG A 79 -4.29 -24.52 16.44
N ARG A 80 -4.09 -25.74 16.96
CA ARG A 80 -3.22 -25.97 18.12
C ARG A 80 -1.76 -25.86 17.70
N THR A 81 -0.93 -25.24 18.52
CA THR A 81 0.48 -25.10 18.16
C THR A 81 1.38 -26.10 18.90
N ASP A 82 0.79 -27.06 19.61
CA ASP A 82 1.53 -28.15 20.22
C ASP A 82 1.28 -29.42 19.39
N ARG A 83 1.01 -29.23 18.10
CA ARG A 83 0.75 -30.31 17.15
C ARG A 83 1.45 -29.94 15.86
N GLN A 84 1.77 -30.96 15.05
CA GLN A 84 2.36 -30.71 13.74
C GLN A 84 1.25 -30.26 12.79
N GLN A 85 1.60 -29.86 11.54
CA GLN A 85 0.67 -29.18 10.61
C GLN A 85 -0.55 -29.95 10.19
N ASP A 86 -0.51 -31.27 10.25
CA ASP A 86 -1.66 -32.06 9.82
C ASP A 86 -2.70 -32.26 10.91
N ALA A 87 -2.39 -31.80 12.15
CA ALA A 87 -3.24 -32.01 13.33
C ALA A 87 -3.56 -30.75 14.09
N GLY A 88 -4.47 -30.90 15.05
CA GLY A 88 -4.93 -29.80 15.90
C GLY A 88 -5.69 -28.74 15.14
N LEU A 89 -6.47 -29.13 14.12
CA LEU A 89 -7.23 -28.17 13.29
C LEU A 89 -8.57 -27.87 13.99
N LEU A 90 -8.76 -26.64 14.47
CA LEU A 90 -9.95 -26.32 15.29
C LEU A 90 -11.06 -25.59 14.57
N LEU A 91 -10.76 -24.53 13.84
CA LEU A 91 -11.80 -23.77 13.13
C LEU A 91 -11.24 -23.37 11.79
N ALA A 92 -12.10 -23.23 10.78
CA ALA A 92 -11.67 -22.84 9.46
C ALA A 92 -12.86 -22.12 8.83
N LEU A 93 -12.72 -20.81 8.55
CA LEU A 93 -13.84 -20.00 8.02
C LEU A 93 -13.37 -19.22 6.81
N VAL A 94 -14.28 -18.93 5.89
CA VAL A 94 -13.97 -18.10 4.72
C VAL A 94 -15.04 -16.98 4.70
N ASP A 95 -14.64 -15.75 4.40
CA ASP A 95 -15.55 -14.62 4.34
C ASP A 95 -15.18 -13.82 3.08
N THR A 96 -16.17 -13.31 2.34
CA THR A 96 -15.87 -12.51 1.15
C THR A 96 -16.69 -11.26 1.25
N VAL A 97 -16.06 -10.09 1.08
CA VAL A 97 -16.79 -8.83 1.20
C VAL A 97 -16.31 -7.85 0.13
N THR A 98 -17.25 -7.11 -0.42
CA THR A 98 -16.97 -6.02 -1.35
C THR A 98 -17.18 -4.74 -0.54
N MET A 99 -16.23 -3.81 -0.58
CA MET A 99 -16.38 -2.57 0.14
C MET A 99 -16.04 -1.35 -0.70
N ASN A 100 -16.55 -0.19 -0.30
CA ASN A 100 -16.26 1.08 -0.97
C ASN A 100 -14.79 1.41 -0.68
N ARG A 101 -14.01 1.72 -1.71
CA ARG A 101 -12.57 2.00 -1.54
C ARG A 101 -12.27 3.26 -0.76
N ASN A 102 -13.20 4.22 -0.78
CA ASN A 102 -13.02 5.50 -0.11
C ASN A 102 -13.43 5.45 1.36
N THR A 103 -14.49 4.70 1.70
CA THR A 103 -15.04 4.68 3.07
C THR A 103 -14.78 3.42 3.88
N ALA A 104 -14.38 2.30 3.22
CA ALA A 104 -14.17 0.97 3.79
C ALA A 104 -15.48 0.26 4.25
N GLU A 105 -16.65 0.86 3.93
CA GLU A 105 -17.95 0.29 4.27
C GLU A 105 -18.40 -0.71 3.22
N ALA A 106 -19.06 -1.80 3.66
CA ALA A 106 -19.52 -2.86 2.79
C ALA A 106 -20.57 -2.33 1.83
N VAL A 107 -20.56 -2.82 0.58
CA VAL A 107 -21.51 -2.36 -0.43
C VAL A 107 -22.90 -2.97 -0.24
N LEU A 134 -22.73 -13.84 1.65
CA LEU A 134 -23.59 -13.27 2.69
C LEU A 134 -23.56 -11.73 2.65
N PRO A 135 -24.68 -11.03 2.92
CA PRO A 135 -24.63 -9.55 2.90
C PRO A 135 -23.97 -9.00 4.18
N HIS A 136 -23.00 -8.13 4.00
CA HIS A 136 -22.22 -7.47 5.05
C HIS A 136 -22.68 -6.03 5.21
N GLU A 137 -22.37 -5.42 6.36
CA GLU A 137 -22.72 -4.03 6.61
C GLU A 137 -21.66 -3.35 7.51
N GLY A 138 -21.36 -2.11 7.21
CA GLY A 138 -20.37 -1.35 7.96
C GLY A 138 -18.95 -1.79 7.67
N LEU A 139 -18.07 -1.62 8.65
CA LEU A 139 -16.68 -2.02 8.53
C LEU A 139 -16.51 -3.50 8.71
N THR A 140 -15.46 -4.08 8.07
CA THR A 140 -15.27 -5.54 8.14
C THR A 140 -13.82 -5.86 8.44
N TYR A 141 -12.86 -5.25 7.68
CA TYR A 141 -11.42 -5.57 7.85
C TYR A 141 -10.49 -4.37 7.94
N ARG A 142 -11.06 -3.18 7.80
CA ARG A 142 -10.33 -1.93 7.83
C ARG A 142 -11.20 -0.81 8.34
N PHE A 143 -10.57 0.22 8.84
CA PHE A 143 -11.31 1.42 9.28
C PHE A 143 -11.18 2.46 8.17
N PRO A 144 -12.00 3.53 8.18
CA PRO A 144 -11.89 4.56 7.12
C PRO A 144 -10.59 5.32 7.17
N PHE A 145 -10.26 6.03 6.08
CA PHE A 145 -9.11 6.95 6.08
C PHE A 145 -9.50 8.09 7.01
N ASP A 146 -8.53 8.65 7.75
CA ASP A 146 -8.75 9.71 8.71
C ASP A 146 -9.82 9.27 9.71
N THR A 147 -9.59 8.11 10.37
CA THR A 147 -10.48 7.55 11.38
C THR A 147 -10.61 8.59 12.51
N GLU A 148 -11.83 8.78 13.01
CA GLU A 148 -12.16 9.74 14.07
C GLU A 148 -12.31 9.02 15.41
N LYS A 149 -12.28 9.79 16.52
CA LYS A 149 -12.44 9.28 17.88
C LYS A 149 -13.93 9.14 18.18
N LYS A 150 -14.57 8.16 17.52
CA LYS A 150 -16.02 7.95 17.65
C LYS A 150 -16.38 6.47 17.44
N THR A 151 -17.66 6.13 17.57
CA THR A 151 -18.15 4.76 17.35
C THR A 151 -18.33 4.49 15.87
N TYR A 152 -17.96 3.28 15.44
CA TYR A 152 -18.14 2.79 14.07
C TYR A 152 -18.89 1.47 14.09
N PRO A 153 -19.80 1.23 13.13
CA PRO A 153 -20.42 -0.10 13.03
C PRO A 153 -19.42 -1.09 12.44
N PHE A 154 -19.19 -2.21 13.13
CA PHE A 154 -18.18 -3.19 12.72
C PHE A 154 -18.83 -4.56 12.64
N PHE A 155 -18.85 -5.11 11.43
CA PHE A 155 -19.53 -6.37 11.14
C PHE A 155 -18.87 -7.57 11.83
N ASP A 156 -19.71 -8.45 12.40
CA ASP A 156 -19.24 -9.72 12.94
C ASP A 156 -19.85 -10.78 11.96
N PRO A 157 -19.05 -11.55 11.19
CA PRO A 157 -19.64 -12.43 10.17
C PRO A 157 -20.38 -13.66 10.69
N ILE A 158 -20.16 -14.03 11.96
CA ILE A 158 -20.88 -15.15 12.58
C ILE A 158 -22.22 -14.62 13.08
N ALA A 159 -22.23 -13.45 13.74
CA ALA A 159 -23.46 -12.83 14.19
C ALA A 159 -24.28 -12.31 13.00
N GLN A 160 -23.60 -12.06 11.85
CA GLN A 160 -24.20 -11.53 10.62
C GLN A 160 -24.87 -10.16 10.82
N LYS A 161 -24.21 -9.30 11.61
CA LYS A 161 -24.70 -7.95 11.87
C LYS A 161 -23.52 -7.09 12.31
N ALA A 162 -23.64 -5.78 12.14
CA ALA A 162 -22.65 -4.83 12.67
C ALA A 162 -22.93 -4.54 14.15
N PHE A 163 -21.87 -4.50 14.97
CA PHE A 163 -21.94 -4.18 16.39
C PHE A 163 -21.04 -3.00 16.59
N ASP A 164 -21.34 -2.16 17.57
CA ASP A 164 -20.51 -0.98 17.80
C ASP A 164 -19.04 -1.29 18.12
N ALA A 165 -18.11 -0.59 17.43
CA ALA A 165 -16.69 -0.64 17.79
C ALA A 165 -16.48 0.76 18.40
N ASN A 166 -16.49 0.84 19.73
CA ASN A 166 -16.40 2.10 20.48
C ASN A 166 -15.00 2.59 20.66
N TYR A 167 -14.77 3.93 20.50
CA TYR A 167 -13.43 4.48 20.72
C TYR A 167 -13.02 4.31 22.19
N ASP A 168 -11.80 3.81 22.42
CA ASP A 168 -11.31 3.50 23.76
C ASP A 168 -9.98 4.17 24.15
N GLY A 169 -9.51 5.14 23.37
CA GLY A 169 -8.27 5.86 23.69
C GLY A 169 -7.15 5.66 22.69
N GLU A 170 -6.05 6.39 22.90
CA GLU A 170 -4.87 6.33 22.05
C GLU A 170 -3.84 5.42 22.68
N GLU A 171 -3.03 4.79 21.86
CA GLU A 171 -1.95 3.92 22.30
C GLU A 171 -0.89 3.85 21.25
N ASP A 172 0.36 3.84 21.71
CA ASP A 172 1.50 3.68 20.84
C ASP A 172 1.64 2.21 20.48
N VAL A 173 1.84 1.92 19.20
CA VAL A 173 2.09 0.56 18.76
C VAL A 173 3.29 0.66 17.85
N ASN A 174 4.47 0.20 18.33
CA ASN A 174 5.74 0.23 17.59
C ASN A 174 6.09 1.62 17.05
N GLY A 175 5.84 2.65 17.85
CA GLY A 175 6.14 4.03 17.44
C GLY A 175 5.03 4.72 16.67
N LEU A 176 3.93 4.01 16.39
CA LEU A 176 2.79 4.60 15.69
C LEU A 176 1.68 4.90 16.69
N THR A 177 1.15 6.13 16.68
CA THR A 177 0.06 6.48 17.59
C THR A 177 -1.22 5.91 16.97
N THR A 178 -1.85 4.97 17.66
CA THR A 178 -3.04 4.30 17.16
C THR A 178 -4.25 4.70 17.96
N TYR A 179 -5.46 4.48 17.38
CA TYR A 179 -6.71 4.66 18.10
C TYR A 179 -7.18 3.25 18.42
N ARG A 180 -7.62 3.06 19.65
CA ARG A 180 -8.14 1.79 20.14
C ARG A 180 -9.64 1.76 20.05
N PHE A 181 -10.20 0.62 19.60
CA PHE A 181 -11.66 0.44 19.52
C PHE A 181 -12.00 -0.89 20.14
N VAL A 182 -13.10 -0.95 20.87
CA VAL A 182 -13.54 -2.20 21.53
C VAL A 182 -14.91 -2.56 21.02
N GLN A 183 -15.10 -3.83 20.64
CA GLN A 183 -16.38 -4.31 20.13
C GLN A 183 -16.83 -5.52 20.99
N ASN A 184 -18.11 -5.55 21.38
CA ASN A 184 -18.67 -6.70 22.12
C ASN A 184 -19.82 -7.29 21.33
N VAL A 185 -19.83 -8.60 21.18
CA VAL A 185 -20.86 -9.29 20.41
C VAL A 185 -21.47 -10.33 21.33
N GLY A 186 -22.66 -10.05 21.82
CA GLY A 186 -23.30 -11.00 22.72
C GLY A 186 -23.02 -10.75 24.17
N TYR A 187 -22.07 -9.83 24.46
CA TYR A 187 -21.72 -9.39 25.80
C TYR A 187 -22.20 -7.96 25.92
N ASP A 188 -22.77 -7.57 27.06
CA ASP A 188 -23.14 -6.15 27.25
C ASP A 188 -21.83 -5.38 27.61
N ALA A 189 -21.84 -4.02 27.58
CA ALA A 189 -20.67 -3.18 27.89
C ALA A 189 -19.93 -3.56 29.19
N ASP A 190 -20.66 -4.12 30.21
CA ASP A 190 -20.18 -4.63 31.49
C ASP A 190 -19.52 -6.04 31.43
N GLY A 191 -19.48 -6.62 30.23
CA GLY A 191 -18.86 -7.92 29.99
C GLY A 191 -19.67 -9.13 30.36
N LYS A 192 -20.95 -8.94 30.63
CA LYS A 192 -21.84 -10.02 31.00
C LYS A 192 -22.43 -10.67 29.75
N LEU A 193 -22.46 -12.00 29.70
CA LEU A 193 -23.07 -12.73 28.57
C LEU A 193 -24.54 -12.32 28.55
N ALA A 194 -25.00 -11.72 27.45
CA ALA A 194 -26.38 -11.19 27.46
C ALA A 194 -27.23 -11.59 26.27
N ASP A 195 -26.70 -11.44 25.06
CA ASP A 195 -27.49 -11.79 23.87
C ASP A 195 -26.62 -12.62 22.94
N PRO A 196 -26.14 -13.81 23.38
CA PRO A 196 -25.27 -14.62 22.49
C PRO A 196 -26.07 -15.06 21.28
N ILE A 197 -25.37 -15.22 20.16
CA ILE A 197 -25.99 -15.59 18.90
C ILE A 197 -26.25 -17.07 18.87
N LYS A 198 -27.49 -17.47 18.54
CA LYS A 198 -27.81 -18.90 18.40
C LYS A 198 -27.52 -19.26 16.94
N TYR A 199 -26.68 -20.29 16.71
CA TYR A 199 -26.40 -20.71 15.33
C TYR A 199 -27.64 -21.30 14.64
N SER A 200 -27.79 -20.99 13.34
CA SER A 200 -28.81 -21.59 12.47
C SER A 200 -28.12 -22.81 11.82
N SER A 201 -28.87 -23.90 11.53
CA SER A 201 -28.24 -25.05 10.87
C SER A 201 -27.67 -24.67 9.47
N LEU A 202 -28.28 -23.68 8.82
CA LEU A 202 -27.82 -23.20 7.51
C LEU A 202 -26.42 -22.60 7.57
N TYR A 203 -26.05 -21.98 8.71
CA TYR A 203 -24.75 -21.33 8.85
C TYR A 203 -23.91 -21.89 9.99
N GLU A 204 -24.09 -23.17 10.27
CA GLU A 204 -23.41 -23.84 11.39
C GLU A 204 -21.89 -24.02 11.21
N ASP A 205 -21.39 -23.83 9.98
CA ASP A 205 -19.97 -23.96 9.62
C ASP A 205 -19.50 -25.42 9.84
N ASP A 206 -18.40 -25.65 10.60
CA ASP A 206 -17.81 -26.98 10.80
C ASP A 206 -18.48 -27.89 11.88
N ALA A 207 -19.42 -27.38 12.68
CA ALA A 207 -20.05 -28.17 13.75
C ALA A 207 -21.56 -28.03 13.72
N ASP A 208 -22.29 -29.09 14.11
CA ASP A 208 -23.76 -29.05 14.11
C ASP A 208 -24.33 -27.96 15.01
N ALA A 209 -25.35 -27.23 14.51
CA ALA A 209 -25.97 -26.19 15.31
C ALA A 209 -26.74 -26.82 16.46
N SER A 210 -27.27 -28.03 16.27
CA SER A 210 -28.02 -28.79 17.26
C SER A 210 -27.40 -30.18 17.36
N VAL A 211 -27.08 -30.61 18.59
CA VAL A 211 -26.46 -31.92 18.82
C VAL A 211 -27.27 -32.65 19.88
N THR A 212 -27.58 -33.94 19.60
CA THR A 212 -28.28 -34.84 20.52
C THR A 212 -27.29 -35.92 20.92
N ALA A 213 -27.06 -36.08 22.22
CA ALA A 213 -26.16 -37.10 22.75
C ALA A 213 -26.57 -37.46 24.15
N ARG A 214 -26.06 -38.59 24.62
CA ARG A 214 -26.36 -39.07 25.96
C ARG A 214 -25.69 -38.14 26.97
N ALA A 215 -26.31 -37.92 28.11
CA ALA A 215 -25.73 -37.11 29.21
C ALA A 215 -24.30 -37.56 29.53
N GLU A 216 -24.04 -38.88 29.48
CA GLU A 216 -22.73 -39.49 29.74
C GLU A 216 -21.69 -39.05 28.72
N VAL A 217 -22.09 -38.94 27.43
CA VAL A 217 -21.19 -38.53 26.33
C VAL A 217 -20.92 -37.04 26.49
N TRP A 218 -21.97 -36.22 26.72
CA TRP A 218 -21.81 -34.77 26.96
C TRP A 218 -20.95 -34.50 28.21
N GLY A 219 -21.06 -35.37 29.21
CA GLY A 219 -20.37 -35.24 30.50
C GLY A 219 -21.10 -34.30 31.43
N VAL A 220 -22.44 -34.30 31.39
CA VAL A 220 -23.30 -33.47 32.23
C VAL A 220 -24.26 -34.37 33.03
N PRO A 221 -24.90 -33.86 34.10
CA PRO A 221 -25.84 -34.70 34.86
C PRO A 221 -27.05 -35.14 34.03
N GLY A 222 -27.54 -36.34 34.33
CA GLY A 222 -28.71 -36.85 33.64
C GLY A 222 -29.14 -38.20 34.17
N GLU A 223 -30.33 -38.62 33.76
CA GLU A 223 -30.87 -39.94 34.11
C GLU A 223 -30.04 -41.00 33.38
N PRO A 224 -30.05 -42.30 33.78
CA PRO A 224 -29.24 -43.28 33.04
C PRO A 224 -29.61 -43.26 31.55
N ASP A 225 -28.59 -43.18 30.66
CA ASP A 225 -28.75 -43.09 29.20
C ASP A 225 -29.70 -41.96 28.73
N GLU A 226 -29.83 -40.86 29.51
CA GLU A 226 -30.69 -39.72 29.16
C GLU A 226 -30.14 -39.09 27.90
N SER A 227 -31.05 -38.70 27.01
CA SER A 227 -30.73 -38.07 25.75
C SER A 227 -30.91 -36.55 25.94
N ILE A 228 -29.90 -35.75 25.57
CA ILE A 228 -29.94 -34.29 25.75
C ILE A 228 -29.62 -33.64 24.42
N THR A 229 -30.51 -32.73 23.98
CA THR A 229 -30.31 -31.93 22.78
C THR A 229 -29.84 -30.53 23.21
N MET A 230 -28.69 -30.11 22.69
CA MET A 230 -28.16 -28.77 22.97
C MET A 230 -27.98 -28.01 21.68
N ASP A 231 -28.10 -26.70 21.74
CA ASP A 231 -27.90 -25.81 20.61
C ASP A 231 -26.57 -25.10 20.77
N ARG A 232 -25.93 -24.74 19.66
CA ARG A 232 -24.65 -24.02 19.75
C ARG A 232 -24.90 -22.53 19.71
N PHE A 233 -24.12 -21.81 20.52
CA PHE A 233 -24.19 -20.35 20.64
C PHE A 233 -22.82 -19.73 20.46
N TYR A 234 -22.80 -18.44 20.15
CA TYR A 234 -21.60 -17.67 19.91
C TYR A 234 -21.63 -16.32 20.62
N ALA A 235 -20.48 -15.92 21.22
CA ALA A 235 -20.28 -14.59 21.79
C ALA A 235 -18.80 -14.23 21.62
N ALA A 236 -18.51 -12.95 21.42
CA ALA A 236 -17.13 -12.54 21.15
C ALA A 236 -16.88 -11.15 21.66
N SER A 237 -15.60 -10.84 21.85
CA SER A 237 -15.19 -9.48 22.23
C SER A 237 -13.87 -9.24 21.51
N ARG A 238 -13.70 -8.03 20.94
CA ARG A 238 -12.48 -7.73 20.19
C ARG A 238 -11.98 -6.34 20.52
N THR A 239 -10.66 -6.15 20.42
CA THR A 239 -10.04 -4.82 20.52
C THR A 239 -9.27 -4.64 19.22
N PHE A 240 -9.35 -3.46 18.63
CA PHE A 240 -8.62 -3.10 17.42
C PHE A 240 -7.73 -1.90 17.72
N TRP A 241 -6.50 -1.91 17.20
CA TRP A 241 -5.56 -0.79 17.26
C TRP A 241 -5.42 -0.34 15.80
N VAL A 242 -5.85 0.89 15.52
CA VAL A 242 -5.99 1.40 14.17
C VAL A 242 -5.06 2.58 13.86
N ASP A 243 -4.43 2.57 12.68
CA ASP A 243 -3.67 3.74 12.23
C ASP A 243 -4.74 4.77 11.78
N PRO A 244 -4.90 5.93 12.46
CA PRO A 244 -5.96 6.87 12.05
C PRO A 244 -5.84 7.40 10.60
N VAL A 245 -4.64 7.50 10.05
CA VAL A 245 -4.49 8.01 8.68
C VAL A 245 -4.92 6.98 7.63
N SER A 246 -4.32 5.78 7.60
CA SER A 246 -4.70 4.79 6.59
C SER A 246 -5.95 3.97 6.93
N GLY A 247 -6.30 3.88 8.20
CA GLY A 247 -7.40 3.02 8.67
C GLY A 247 -6.99 1.56 8.84
N THR A 248 -5.70 1.26 8.68
CA THR A 248 -5.18 -0.12 8.84
C THR A 248 -5.35 -0.57 10.28
N ILE A 249 -5.86 -1.80 10.49
CA ILE A 249 -5.93 -2.40 11.82
C ILE A 249 -4.54 -3.06 11.98
N VAL A 250 -3.66 -2.43 12.73
CA VAL A 250 -2.28 -2.90 12.90
C VAL A 250 -2.14 -4.01 13.94
N LYS A 251 -3.10 -4.09 14.86
CA LYS A 251 -3.10 -5.11 15.93
C LYS A 251 -4.54 -5.37 16.36
N SER A 252 -4.84 -6.60 16.78
CA SER A 252 -6.16 -6.92 17.27
C SER A 252 -6.04 -7.98 18.34
N GLU A 253 -6.99 -7.97 19.26
CA GLU A 253 -7.10 -8.97 20.33
C GLU A 253 -8.49 -9.53 20.16
N GLU A 254 -8.61 -10.85 20.12
CA GLU A 254 -9.93 -11.42 19.91
C GLU A 254 -10.22 -12.54 20.88
N HIS A 255 -11.42 -12.49 21.50
CA HIS A 255 -11.93 -13.53 22.39
CA HIS A 255 -11.89 -13.55 22.38
C HIS A 255 -13.17 -14.08 21.71
N GLY A 256 -13.13 -15.34 21.31
CA GLY A 256 -14.25 -15.97 20.63
C GLY A 256 -14.73 -17.12 21.50
N TYR A 257 -16.05 -17.23 21.69
CA TYR A 257 -16.59 -18.29 22.57
C TYR A 257 -17.76 -18.94 21.88
N GLN A 258 -17.64 -20.25 21.65
CA GLN A 258 -18.69 -21.09 21.07
C GLN A 258 -18.95 -22.21 22.08
N TYR A 259 -20.21 -22.45 22.38
CA TYR A 259 -20.60 -23.44 23.39
C TYR A 259 -21.95 -24.04 23.11
N TYR A 260 -22.20 -25.21 23.69
CA TYR A 260 -23.48 -25.90 23.58
C TYR A 260 -24.23 -25.69 24.89
N ALA A 261 -25.54 -25.49 24.80
CA ALA A 261 -26.39 -25.27 25.97
C ALA A 261 -27.84 -25.55 25.63
N ARG A 262 -28.64 -25.90 26.65
CA ARG A 262 -30.07 -26.00 26.45
C ARG A 262 -30.65 -24.59 26.61
N GLU A 263 -30.00 -23.71 27.42
CA GLU A 263 -30.46 -22.32 27.64
C GLU A 263 -29.30 -21.40 27.28
N ALA A 264 -29.54 -20.39 26.41
CA ALA A 264 -28.52 -19.46 25.96
C ALA A 264 -27.61 -18.92 27.05
N LEU A 265 -28.19 -18.50 28.18
CA LEU A 265 -27.38 -17.84 29.22
C LEU A 265 -26.79 -18.78 30.23
N LYS A 266 -26.87 -20.09 30.01
CA LYS A 266 -26.30 -21.08 30.93
C LYS A 266 -25.43 -22.05 30.13
N PRO A 267 -24.22 -21.62 29.68
CA PRO A 267 -23.35 -22.53 28.89
C PRO A 267 -23.12 -23.87 29.57
N GLU A 268 -23.14 -24.98 28.81
CA GLU A 268 -22.95 -26.31 29.39
C GLU A 268 -21.67 -26.97 28.98
N VAL A 269 -21.37 -26.97 27.64
CA VAL A 269 -20.19 -27.64 27.11
C VAL A 269 -19.49 -26.71 26.12
N THR A 270 -18.20 -26.43 26.33
CA THR A 270 -17.47 -25.52 25.44
C THR A 270 -17.16 -26.23 24.13
N TYR A 271 -17.33 -25.52 23.01
CA TYR A 271 -16.91 -26.03 21.71
C TYR A 271 -15.51 -25.43 21.43
N VAL A 272 -15.42 -24.11 21.47
CA VAL A 272 -14.14 -23.39 21.37
C VAL A 272 -14.25 -22.13 22.21
N ASP A 273 -13.27 -21.88 23.06
CA ASP A 273 -13.21 -20.65 23.83
C ASP A 273 -11.76 -20.16 23.71
N PHE A 274 -11.49 -19.19 22.84
CA PHE A 274 -10.10 -18.80 22.63
C PHE A 274 -9.86 -17.32 22.87
N LYS A 275 -8.64 -16.95 23.21
CA LYS A 275 -8.25 -15.54 23.37
C LYS A 275 -6.89 -15.42 22.65
N VAL A 276 -6.80 -14.59 21.61
CA VAL A 276 -5.56 -14.43 20.83
C VAL A 276 -5.25 -12.94 20.61
N THR A 277 -3.97 -12.62 20.35
CA THR A 277 -3.51 -11.25 20.04
CA THR A 277 -3.50 -11.26 20.06
C THR A 277 -2.51 -11.35 18.90
N THR A 278 -2.58 -10.40 17.93
CA THR A 278 -1.67 -10.33 16.77
C THR A 278 -0.24 -10.49 17.28
N ASN A 279 0.52 -11.40 16.69
CA ASN A 279 1.89 -11.61 17.20
C ASN A 279 2.84 -10.50 16.74
N GLU A 280 3.99 -10.37 17.41
CA GLU A 280 4.95 -9.30 17.15
C GLU A 280 5.35 -9.13 15.67
N GLU A 281 5.65 -10.23 14.95
CA GLU A 281 6.02 -10.16 13.53
C GLU A 281 4.85 -9.65 12.65
N SER A 282 3.61 -10.03 13.01
CA SER A 282 2.45 -9.57 12.23
C SER A 282 2.12 -8.10 12.51
N VAL A 283 2.35 -7.65 13.75
CA VAL A 283 2.15 -6.25 14.11
C VAL A 283 3.18 -5.40 13.32
N GLU A 284 4.45 -5.84 13.31
CA GLU A 284 5.53 -5.15 12.56
C GLU A 284 5.20 -5.03 11.08
N SER A 285 4.66 -6.09 10.49
CA SER A 285 4.27 -6.14 9.08
C SER A 285 3.14 -5.12 8.82
N GLN A 286 2.14 -5.04 9.73
CA GLN A 286 1.03 -4.08 9.53
C GLN A 286 1.46 -2.65 9.76
N VAL A 287 2.34 -2.42 10.73
CA VAL A 287 2.86 -1.08 10.99
C VAL A 287 3.66 -0.60 9.76
N ALA A 288 4.44 -1.49 9.14
CA ALA A 288 5.21 -1.18 7.91
C ALA A 288 4.27 -0.87 6.74
N ALA A 289 3.22 -1.69 6.55
CA ALA A 289 2.22 -1.50 5.48
C ALA A 289 1.46 -0.18 5.66
N ALA A 290 1.05 0.14 6.90
CA ALA A 290 0.35 1.39 7.20
C ALA A 290 1.28 2.58 6.94
N SER A 291 2.58 2.48 7.33
CA SER A 291 3.57 3.53 7.12
CA SER A 291 3.58 3.53 7.11
C SER A 291 3.77 3.80 5.61
N ASP A 292 3.80 2.73 4.77
CA ASP A 292 3.96 2.86 3.31
C ASP A 292 2.71 3.52 2.69
N GLU A 293 1.50 3.18 3.20
CA GLU A 293 0.27 3.81 2.73
C GLU A 293 0.23 5.29 3.11
N ARG A 294 0.64 5.63 4.34
CA ARG A 294 0.73 7.02 4.81
C ARG A 294 1.68 7.86 3.93
N ASP A 295 2.85 7.28 3.53
CA ASP A 295 3.83 7.94 2.65
C ASP A 295 3.23 8.22 1.27
N ARG A 296 2.43 7.28 0.71
CA ARG A 296 1.82 7.49 -0.59
C ARG A 296 0.71 8.51 -0.49
N ILE A 297 -0.12 8.42 0.54
CA ILE A 297 -1.22 9.40 0.75
C ILE A 297 -0.60 10.81 0.87
N ALA A 298 0.49 10.93 1.64
CA ALA A 298 1.18 12.22 1.87
C ALA A 298 1.73 12.79 0.55
N LEU A 299 2.37 11.96 -0.29
CA LEU A 299 2.90 12.34 -1.61
C LEU A 299 1.76 12.88 -2.49
N TRP A 300 0.65 12.13 -2.59
CA TRP A 300 -0.50 12.56 -3.39
C TRP A 300 -1.16 13.81 -2.86
N THR A 301 -1.31 13.92 -1.54
CA THR A 301 -1.95 15.13 -0.94
C THR A 301 -1.08 16.36 -1.21
N ARG A 302 0.25 16.26 -0.98
CA ARG A 302 1.19 17.37 -1.21
C ARG A 302 1.20 17.82 -2.68
N SER A 303 1.05 16.84 -3.63
CA SER A 303 1.04 17.14 -5.05
C SER A 303 -0.22 17.94 -5.42
N ARG A 304 -1.37 17.62 -4.78
CA ARG A 304 -2.66 18.29 -5.02
C ARG A 304 -2.62 19.73 -4.53
N HIS A 305 -1.87 19.98 -3.45
CA HIS A 305 -1.62 21.31 -2.91
C HIS A 305 -0.26 21.80 -3.48
N HIS A 306 0.50 22.64 -2.74
CA HIS A 306 1.80 23.12 -3.22
C HIS A 306 2.91 22.85 -2.20
N ILE B 15 31.65 30.92 -6.25
CA ILE B 15 31.29 31.69 -5.06
C ILE B 15 29.81 31.59 -4.72
N ALA B 16 28.92 31.63 -5.72
CA ALA B 16 27.47 31.57 -5.55
C ALA B 16 27.04 30.28 -4.86
N LYS B 17 25.95 30.33 -4.11
CA LYS B 17 25.48 29.15 -3.40
C LYS B 17 24.03 28.91 -3.75
N ILE B 18 23.65 27.62 -3.83
CA ILE B 18 22.26 27.24 -4.04
C ILE B 18 21.48 27.77 -2.83
N PRO B 19 20.37 28.51 -3.04
CA PRO B 19 19.62 29.05 -1.88
C PRO B 19 18.93 27.97 -1.04
N LEU B 20 18.66 28.29 0.24
CA LEU B 20 17.99 27.35 1.15
C LEU B 20 16.46 27.53 1.16
N ASP B 21 15.95 28.48 0.39
CA ASP B 21 14.51 28.74 0.38
C ASP B 21 13.79 28.17 -0.85
N ILE B 22 14.43 27.22 -1.56
CA ILE B 22 13.81 26.60 -2.74
C ILE B 22 12.57 25.81 -2.33
N ASP B 23 11.45 26.12 -2.98
CA ASP B 23 10.19 25.43 -2.77
C ASP B 23 9.50 25.56 -4.11
N THR B 24 9.67 24.56 -5.01
CA THR B 24 9.10 24.64 -6.34
C THR B 24 8.07 23.52 -6.60
N SER B 25 7.12 23.79 -7.48
CA SER B 25 6.12 22.83 -7.90
C SER B 25 6.04 23.01 -9.41
N LEU B 26 6.59 22.04 -10.16
CA LEU B 26 6.69 22.11 -11.60
C LEU B 26 5.92 21.00 -12.23
N VAL B 27 5.17 21.32 -13.29
CA VAL B 27 4.31 20.34 -13.97
C VAL B 27 4.72 20.21 -15.43
N SER B 28 4.78 18.96 -15.93
CA SER B 28 5.10 18.65 -17.32
C SER B 28 3.92 17.86 -17.87
N ASP B 29 3.33 18.34 -18.94
CA ASP B 29 2.20 17.63 -19.56
C ASP B 29 2.67 16.80 -20.75
N GLY B 30 1.89 15.77 -21.04
CA GLY B 30 2.19 14.91 -22.17
C GLY B 30 1.19 13.81 -22.32
N THR B 31 1.68 12.68 -22.85
CA THR B 31 0.87 11.50 -23.20
C THR B 31 1.55 10.26 -22.69
N ALA B 32 0.77 9.20 -22.42
CA ALA B 32 1.34 7.94 -21.97
C ALA B 32 0.50 6.79 -22.42
N THR B 33 1.14 5.64 -22.42
CA THR B 33 0.50 4.34 -22.51
C THR B 33 0.75 3.77 -21.12
N ALA B 34 -0.29 3.31 -20.45
CA ALA B 34 -0.05 2.83 -19.09
C ALA B 34 -1.03 1.78 -18.65
N PHE B 35 -0.55 0.90 -17.78
CA PHE B 35 -1.34 -0.10 -17.07
C PHE B 35 -2.38 0.65 -16.23
N ASP B 36 -3.62 0.16 -16.19
CA ASP B 36 -4.66 0.75 -15.36
C ASP B 36 -4.54 0.11 -13.98
N PRO B 37 -4.11 0.86 -12.94
CA PRO B 37 -3.96 0.24 -11.61
C PRO B 37 -5.21 -0.51 -11.09
N ASP B 38 -6.39 -0.04 -11.50
CA ASP B 38 -7.69 -0.63 -11.12
C ASP B 38 -8.07 -1.94 -11.83
N SER B 39 -7.20 -2.43 -12.74
CA SER B 39 -7.44 -3.69 -13.47
C SER B 39 -6.60 -4.82 -12.88
N LEU B 40 -5.85 -4.55 -11.80
CA LEU B 40 -4.92 -5.52 -11.22
C LEU B 40 -5.52 -6.91 -11.02
N VAL B 41 -6.78 -6.99 -10.56
CA VAL B 41 -7.38 -8.29 -10.27
C VAL B 41 -8.52 -8.65 -11.26
N ALA B 42 -8.61 -7.91 -12.39
CA ALA B 42 -9.61 -8.16 -13.43
C ALA B 42 -9.27 -9.46 -14.24
N GLU B 43 -10.05 -9.75 -15.31
CA GLU B 43 -9.84 -10.93 -16.18
C GLU B 43 -8.49 -10.84 -16.92
N ARG B 44 -8.04 -9.61 -17.21
CA ARG B 44 -6.75 -9.35 -17.86
C ARG B 44 -6.22 -7.99 -17.44
N PHE B 45 -4.88 -7.81 -17.53
CA PHE B 45 -4.16 -6.54 -17.27
C PHE B 45 -4.47 -5.51 -18.37
N LYS B 46 -5.23 -4.48 -18.02
CA LYS B 46 -5.66 -3.45 -18.95
C LYS B 46 -4.58 -2.41 -19.18
N ILE B 47 -4.28 -2.12 -20.43
CA ILE B 47 -3.31 -1.12 -20.81
C ILE B 47 -4.07 -0.01 -21.53
N ASP B 48 -4.06 1.21 -20.98
CA ASP B 48 -4.72 2.35 -21.63
C ASP B 48 -3.70 3.07 -22.50
N ARG B 49 -4.05 3.34 -23.76
CA ARG B 49 -3.17 3.93 -24.74
C ARG B 49 -3.52 5.37 -25.04
N ASP B 50 -2.49 6.17 -25.34
CA ASP B 50 -2.58 7.58 -25.75
C ASP B 50 -3.41 8.39 -24.72
N VAL B 51 -3.07 8.21 -23.43
CA VAL B 51 -3.71 8.83 -22.27
CA VAL B 51 -3.81 8.94 -22.40
C VAL B 51 -3.06 10.20 -21.95
N PRO B 52 -3.83 11.32 -21.70
CA PRO B 52 -3.17 12.58 -21.30
C PRO B 52 -2.72 12.50 -19.85
N VAL B 53 -1.48 12.93 -19.60
CA VAL B 53 -0.89 12.83 -18.29
C VAL B 53 -0.22 14.14 -17.88
N ALA B 54 0.04 14.26 -16.56
CA ALA B 54 0.82 15.37 -15.99
C ALA B 54 1.78 14.78 -15.02
N LEU B 55 3.06 15.17 -15.15
CA LEU B 55 4.12 14.73 -14.24
C LEU B 55 4.43 15.93 -13.38
N GLN B 56 4.18 15.84 -12.06
CA GLN B 56 4.40 16.97 -11.14
C GLN B 56 5.59 16.67 -10.27
N GLN B 57 6.46 17.66 -10.10
CA GLN B 57 7.64 17.49 -9.28
C GLN B 57 7.59 18.58 -8.19
N GLN B 58 7.53 18.17 -6.89
CA GLN B 58 7.51 19.11 -5.75
C GLN B 58 8.91 19.02 -5.18
N MET B 59 9.59 20.14 -5.04
CA MET B 59 10.93 20.14 -4.47
C MET B 59 10.96 21.09 -3.28
N SER B 60 11.44 20.62 -2.12
CA SER B 60 11.57 21.50 -0.96
C SER B 60 12.89 21.22 -0.27
N VAL B 61 13.38 22.19 0.51
CA VAL B 61 14.62 22.07 1.28
C VAL B 61 14.31 21.50 2.64
N GLU B 62 15.18 20.60 3.11
CA GLU B 62 15.03 19.91 4.37
C GLU B 62 16.41 19.85 5.02
N ALA B 63 16.44 19.40 6.27
CA ALA B 63 17.68 19.20 7.00
C ALA B 63 18.33 17.89 6.46
N PRO B 64 19.67 17.75 6.42
CA PRO B 64 20.69 18.75 6.78
C PRO B 64 20.99 19.77 5.67
N SER B 65 20.93 21.05 6.05
CA SER B 65 21.26 22.16 5.18
C SER B 65 22.01 23.16 6.03
N ASN B 66 23.12 23.66 5.52
CA ASN B 66 23.96 24.59 6.29
C ASN B 66 24.77 25.44 5.31
N ALA B 67 25.93 25.99 5.73
CA ALA B 67 26.74 26.81 4.83
C ALA B 67 27.34 26.03 3.64
N ASP B 68 27.53 24.72 3.78
CA ASP B 68 28.16 23.89 2.77
C ASP B 68 27.22 23.08 1.88
N VAL B 69 26.17 22.54 2.49
CA VAL B 69 25.25 21.60 1.81
C VAL B 69 23.80 22.03 1.87
N VAL B 70 23.01 21.47 0.95
CA VAL B 70 21.57 21.68 0.92
C VAL B 70 20.90 20.33 0.62
N THR B 71 19.85 20.00 1.38
CA THR B 71 19.14 18.74 1.14
C THR B 71 17.82 19.05 0.50
N PHE B 72 17.51 18.36 -0.61
CA PHE B 72 16.23 18.49 -1.27
C PHE B 72 15.43 17.21 -1.14
N GLN B 73 14.13 17.34 -0.83
CA GLN B 73 13.21 16.20 -0.84
C GLN B 73 12.36 16.48 -2.08
N VAL B 74 12.32 15.52 -3.01
CA VAL B 74 11.62 15.69 -4.27
C VAL B 74 10.55 14.63 -4.40
N GLY B 75 9.30 15.06 -4.54
CA GLY B 75 8.17 14.14 -4.72
C GLY B 75 7.71 14.26 -6.16
N THR B 76 7.63 13.13 -6.87
CA THR B 76 7.26 13.14 -8.28
C THR B 76 6.06 12.25 -8.46
N THR B 77 5.02 12.77 -9.13
CA THR B 77 3.81 11.98 -9.35
C THR B 77 3.44 12.07 -10.83
N LEU B 78 2.85 10.98 -11.36
CA LEU B 78 2.36 11.01 -12.74
C LEU B 78 0.89 10.63 -12.66
N ARG B 79 0.03 11.47 -13.24
CA ARG B 79 -1.37 11.12 -13.17
C ARG B 79 -2.05 11.40 -14.50
N ARG B 80 -3.19 10.74 -14.73
CA ARG B 80 -4.04 11.00 -15.90
C ARG B 80 -4.78 12.32 -15.70
N THR B 81 -4.88 13.12 -16.75
CA THR B 81 -5.57 14.39 -16.64
C THR B 81 -6.99 14.35 -17.22
N ASP B 82 -7.48 13.16 -17.56
CA ASP B 82 -8.87 13.00 -17.98
C ASP B 82 -9.60 12.29 -16.83
N ARG B 83 -9.14 12.51 -15.60
CA ARG B 83 -9.72 11.92 -14.38
C ARG B 83 -9.71 12.99 -13.31
N GLN B 84 -10.61 12.84 -12.33
CA GLN B 84 -10.64 13.74 -11.17
C GLN B 84 -9.48 13.36 -10.25
N GLN B 85 -9.23 14.17 -9.19
CA GLN B 85 -8.03 14.08 -8.37
CA GLN B 85 -8.03 14.09 -8.35
C GLN B 85 -7.84 12.77 -7.60
N ASP B 86 -8.91 12.02 -7.37
CA ASP B 86 -8.77 10.76 -6.62
C ASP B 86 -8.42 9.58 -7.50
N ALA B 87 -8.41 9.78 -8.84
CA ALA B 87 -8.20 8.72 -9.82
C ALA B 87 -7.11 9.01 -10.82
N GLY B 88 -6.80 7.98 -11.61
CA GLY B 88 -5.76 8.03 -12.62
C GLY B 88 -4.37 8.23 -12.05
N LEU B 89 -4.09 7.66 -10.87
CA LEU B 89 -2.78 7.80 -10.19
C LEU B 89 -1.83 6.73 -10.76
N LEU B 90 -0.79 7.15 -11.49
CA LEU B 90 0.07 6.19 -12.18
C LEU B 90 1.39 5.90 -11.52
N LEU B 91 2.13 6.93 -11.11
CA LEU B 91 3.44 6.71 -10.47
C LEU B 91 3.57 7.72 -9.36
N ALA B 92 4.28 7.36 -8.29
CA ALA B 92 4.50 8.29 -7.18
C ALA B 92 5.85 7.88 -6.56
N LEU B 93 6.84 8.78 -6.65
CA LEU B 93 8.20 8.47 -6.19
C LEU B 93 8.70 9.59 -5.31
N VAL B 94 9.62 9.26 -4.40
CA VAL B 94 10.22 10.26 -3.56
CA VAL B 94 10.23 10.21 -3.46
C VAL B 94 11.73 10.08 -3.64
N ASP B 95 12.46 11.19 -3.63
CA ASP B 95 13.91 11.13 -3.73
C ASP B 95 14.46 12.19 -2.78
N THR B 96 15.54 11.88 -2.06
CA THR B 96 16.12 12.85 -1.12
C THR B 96 17.59 12.88 -1.42
N VAL B 97 18.16 14.07 -1.60
CA VAL B 97 19.56 14.21 -1.94
C VAL B 97 20.15 15.42 -1.21
N THR B 98 21.37 15.25 -0.74
CA THR B 98 22.15 16.32 -0.15
C THR B 98 23.19 16.67 -1.20
N MET B 99 23.34 17.96 -1.51
CA MET B 99 24.33 18.37 -2.50
C MET B 99 25.18 19.53 -2.01
N ASN B 100 26.35 19.68 -2.60
CA ASN B 100 27.27 20.79 -2.28
C ASN B 100 26.61 22.05 -2.85
N ARG B 101 26.49 23.11 -2.03
CA ARG B 101 25.82 24.36 -2.45
C ARG B 101 26.56 25.11 -3.54
N ASN B 102 27.87 24.94 -3.64
CA ASN B 102 28.71 25.63 -4.60
C ASN B 102 28.76 24.91 -5.96
N THR B 103 28.76 23.56 -5.97
CA THR B 103 28.93 22.76 -7.19
C THR B 103 27.69 22.06 -7.72
N ALA B 104 26.65 21.90 -6.87
CA ALA B 104 25.40 21.17 -7.14
C ALA B 104 25.58 19.62 -7.23
N GLU B 105 26.80 19.12 -6.89
CA GLU B 105 27.09 17.69 -6.92
C GLU B 105 26.67 17.04 -5.62
N ALA B 106 26.16 15.79 -5.72
CA ALA B 106 25.69 15.04 -4.57
C ALA B 106 26.84 14.75 -3.63
N VAL B 107 26.55 14.79 -2.34
CA VAL B 107 27.56 14.52 -1.29
C VAL B 107 27.03 13.52 -0.26
N PRO B 135 21.60 7.12 -1.91
CA PRO B 135 22.98 7.14 -2.43
C PRO B 135 22.98 7.76 -3.84
N HIS B 136 23.52 8.98 -4.00
CA HIS B 136 23.49 9.74 -5.26
C HIS B 136 24.87 10.13 -5.72
N GLU B 137 25.04 10.44 -7.01
CA GLU B 137 26.31 10.89 -7.57
C GLU B 137 26.10 11.88 -8.70
N GLY B 138 26.94 12.91 -8.75
CA GLY B 138 26.89 13.94 -9.78
C GLY B 138 25.71 14.87 -9.59
N LEU B 139 25.19 15.38 -10.70
CA LEU B 139 24.05 16.30 -10.67
C LEU B 139 22.75 15.55 -10.52
N THR B 140 21.73 16.19 -9.90
CA THR B 140 20.47 15.51 -9.64
C THR B 140 19.29 16.40 -10.07
N TYR B 141 19.27 17.68 -9.63
CA TYR B 141 18.13 18.59 -9.90
C TYR B 141 18.51 19.98 -10.41
N ARG B 142 19.80 20.26 -10.52
CA ARG B 142 20.28 21.51 -11.10
C ARG B 142 21.71 21.37 -11.55
N PHE B 143 22.11 22.29 -12.41
CA PHE B 143 23.45 22.28 -12.94
C PHE B 143 24.32 23.25 -12.14
N PRO B 144 25.67 23.20 -12.28
CA PRO B 144 26.52 24.12 -11.50
C PRO B 144 26.35 25.58 -11.91
N PHE B 145 26.83 26.50 -11.08
CA PHE B 145 26.86 27.91 -11.45
C PHE B 145 27.89 28.02 -12.57
N ASP B 146 27.66 28.89 -13.55
CA ASP B 146 28.55 29.06 -14.70
C ASP B 146 28.74 27.72 -15.39
N THR B 147 27.61 27.09 -15.79
CA THR B 147 27.59 25.82 -16.52
C THR B 147 28.36 26.02 -17.84
N GLU B 148 29.21 25.03 -18.19
CA GLU B 148 30.04 25.03 -19.39
C GLU B 148 29.40 24.18 -20.50
N LYS B 149 29.88 24.37 -21.74
CA LYS B 149 29.43 23.62 -22.91
C LYS B 149 30.17 22.29 -22.95
N LYS B 150 29.85 21.40 -21.98
CA LYS B 150 30.53 20.10 -21.86
C LYS B 150 29.60 19.04 -21.26
N THR B 151 30.09 17.81 -21.17
CA THR B 151 29.34 16.69 -20.56
C THR B 151 29.38 16.77 -19.03
N TYR B 152 28.23 16.53 -18.39
CA TYR B 152 28.12 16.45 -16.95
C TYR B 152 27.51 15.12 -16.54
N PRO B 153 27.98 14.50 -15.45
CA PRO B 153 27.32 13.28 -14.95
C PRO B 153 25.99 13.67 -14.27
N PHE B 154 24.90 13.04 -14.70
CA PHE B 154 23.56 13.39 -14.22
C PHE B 154 22.87 12.12 -13.73
N PHE B 155 22.60 12.09 -12.42
CA PHE B 155 22.02 10.93 -11.75
C PHE B 155 20.61 10.60 -12.22
N ASP B 156 20.33 9.30 -12.44
CA ASP B 156 18.99 8.81 -12.70
C ASP B 156 18.65 7.95 -11.44
N PRO B 157 17.65 8.34 -10.61
CA PRO B 157 17.44 7.62 -9.33
C PRO B 157 16.85 6.21 -9.46
N ILE B 158 16.28 5.87 -10.62
CA ILE B 158 15.77 4.52 -10.86
C ILE B 158 16.94 3.64 -11.31
N ALA B 159 17.78 4.13 -12.23
CA ALA B 159 18.96 3.40 -12.67
C ALA B 159 20.01 3.34 -11.55
N GLN B 160 19.91 4.30 -10.59
CA GLN B 160 20.84 4.44 -9.45
C GLN B 160 22.29 4.64 -9.88
N LYS B 161 22.48 5.45 -10.92
CA LYS B 161 23.81 5.76 -11.42
C LYS B 161 23.73 7.07 -12.20
N ALA B 162 24.86 7.78 -12.33
CA ALA B 162 24.93 8.97 -13.19
C ALA B 162 25.17 8.54 -14.65
N PHE B 163 24.45 9.19 -15.58
CA PHE B 163 24.60 8.97 -17.00
C PHE B 163 24.97 10.29 -17.60
N ASP B 164 25.71 10.28 -18.70
CA ASP B 164 26.12 11.54 -19.32
C ASP B 164 24.97 12.45 -19.75
N ALA B 165 25.03 13.74 -19.38
CA ALA B 165 24.11 14.74 -19.90
C ALA B 165 25.04 15.54 -20.85
N ASN B 166 24.96 15.24 -22.16
CA ASN B 166 25.83 15.81 -23.20
C ASN B 166 25.36 17.14 -23.70
N TYR B 167 26.29 18.11 -23.86
CA TYR B 167 25.93 19.42 -24.40
C TYR B 167 25.38 19.29 -25.84
N ASP B 168 24.23 19.91 -26.11
CA ASP B 168 23.55 19.77 -27.39
C ASP B 168 23.31 21.09 -28.16
N GLY B 169 23.80 22.22 -27.64
CA GLY B 169 23.63 23.49 -28.31
C GLY B 169 22.90 24.52 -27.47
N GLU B 170 22.77 25.73 -28.00
CA GLU B 170 22.10 26.84 -27.32
C GLU B 170 20.71 26.97 -27.85
N GLU B 171 19.80 27.48 -27.02
CA GLU B 171 18.41 27.71 -27.38
C GLU B 171 17.83 28.78 -26.50
N ASP B 172 17.06 29.69 -27.08
CA ASP B 172 16.43 30.76 -26.32
C ASP B 172 15.11 30.23 -25.78
N VAL B 173 14.91 30.38 -24.47
CA VAL B 173 13.69 29.93 -23.77
C VAL B 173 13.15 31.16 -23.05
N ASN B 174 12.02 31.71 -23.55
CA ASN B 174 11.38 32.92 -23.00
C ASN B 174 12.35 34.11 -22.87
N GLY B 175 13.22 34.29 -23.87
CA GLY B 175 14.18 35.37 -23.89
C GLY B 175 15.49 35.10 -23.17
N LEU B 176 15.61 33.90 -22.56
CA LEU B 176 16.83 33.51 -21.87
C LEU B 176 17.62 32.54 -22.74
N THR B 177 18.92 32.82 -22.95
CA THR B 177 19.76 31.92 -23.74
C THR B 177 20.14 30.76 -22.85
N THR B 178 19.69 29.56 -23.20
CA THR B 178 19.93 28.38 -22.38
C THR B 178 20.89 27.45 -23.07
N TYR B 179 21.52 26.54 -22.30
CA TYR B 179 22.32 25.46 -22.86
C TYR B 179 21.43 24.22 -22.78
N ARG B 180 21.31 23.50 -23.89
CA ARG B 180 20.52 22.27 -23.98
C ARG B 180 21.43 21.05 -23.76
N PHE B 181 21.01 20.09 -22.89
CA PHE B 181 21.76 18.87 -22.58
C PHE B 181 20.85 17.70 -22.80
N VAL B 182 21.39 16.60 -23.33
CA VAL B 182 20.60 15.38 -23.60
C VAL B 182 21.18 14.24 -22.82
N GLN B 183 20.32 13.48 -22.11
CA GLN B 183 20.78 12.32 -21.32
C GLN B 183 20.00 11.08 -21.79
N ASN B 184 20.70 9.96 -22.00
CA ASN B 184 20.05 8.69 -22.36
C ASN B 184 20.37 7.64 -21.33
N VAL B 185 19.34 6.94 -20.86
CA VAL B 185 19.49 5.93 -19.82
C VAL B 185 18.92 4.64 -20.38
N GLY B 186 19.81 3.75 -20.82
CA GLY B 186 19.29 2.50 -21.38
C GLY B 186 19.06 2.56 -22.87
N TYR B 187 19.17 3.76 -23.48
CA TYR B 187 19.10 3.99 -24.93
C TYR B 187 20.47 4.40 -25.38
N ASP B 188 20.86 4.04 -26.61
CA ASP B 188 22.14 4.53 -27.12
C ASP B 188 21.93 5.95 -27.66
N ALA B 189 23.02 6.63 -28.11
CA ALA B 189 22.93 8.00 -28.68
C ALA B 189 21.96 8.12 -29.86
N ASP B 190 21.77 7.05 -30.63
CA ASP B 190 20.86 7.06 -31.77
C ASP B 190 19.39 6.81 -31.39
N GLY B 191 19.16 6.49 -30.11
CA GLY B 191 17.82 6.26 -29.58
C GLY B 191 17.35 4.83 -29.60
N LYS B 192 18.27 3.89 -29.82
CA LYS B 192 17.96 2.46 -29.83
C LYS B 192 17.97 1.91 -28.38
N LEU B 193 16.96 1.11 -28.01
CA LEU B 193 16.93 0.45 -26.69
C LEU B 193 18.15 -0.45 -26.63
N ALA B 194 19.05 -0.25 -25.65
CA ALA B 194 20.28 -1.04 -25.67
C ALA B 194 20.65 -1.69 -24.35
N ASP B 195 20.62 -0.93 -23.26
CA ASP B 195 21.00 -1.52 -21.96
C ASP B 195 19.97 -1.09 -20.91
N PRO B 196 18.68 -1.47 -21.10
CA PRO B 196 17.66 -1.07 -20.10
C PRO B 196 17.97 -1.65 -18.75
N ILE B 197 17.57 -0.94 -17.70
CA ILE B 197 17.83 -1.35 -16.31
C ILE B 197 16.84 -2.40 -15.90
N LYS B 198 17.31 -3.54 -15.38
CA LYS B 198 16.42 -4.57 -14.86
C LYS B 198 16.13 -4.22 -13.38
N TYR B 199 14.85 -4.09 -13.00
CA TYR B 199 14.51 -3.79 -11.61
C TYR B 199 14.90 -4.94 -10.67
N SER B 200 15.36 -4.56 -9.48
CA SER B 200 15.61 -5.48 -8.37
C SER B 200 14.32 -5.51 -7.55
N SER B 201 13.97 -6.66 -6.93
CA SER B 201 12.77 -6.70 -6.07
C SER B 201 12.88 -5.72 -4.90
N LEU B 202 14.10 -5.45 -4.43
CA LEU B 202 14.33 -4.50 -3.33
C LEU B 202 13.91 -3.07 -3.68
N TYR B 203 14.01 -2.70 -4.97
CA TYR B 203 13.70 -1.33 -5.41
C TYR B 203 12.60 -1.28 -6.43
N GLU B 204 11.67 -2.24 -6.37
CA GLU B 204 10.60 -2.36 -7.36
C GLU B 204 9.53 -1.27 -7.29
N ASP B 205 9.51 -0.50 -6.18
CA ASP B 205 8.53 0.57 -5.93
C ASP B 205 7.08 -0.01 -5.85
N ASP B 206 6.12 0.53 -6.62
CA ASP B 206 4.70 0.09 -6.56
C ASP B 206 4.31 -1.15 -7.42
N ALA B 207 5.23 -1.72 -8.20
CA ALA B 207 4.92 -2.88 -9.03
C ALA B 207 5.96 -3.98 -8.87
N ASP B 208 5.55 -5.27 -8.91
CA ASP B 208 6.49 -6.38 -8.74
C ASP B 208 7.59 -6.39 -9.80
N ALA B 209 8.83 -6.65 -9.39
CA ALA B 209 9.94 -6.67 -10.34
C ALA B 209 9.78 -7.93 -11.23
N SER B 210 9.19 -9.02 -10.70
CA SER B 210 8.94 -10.29 -11.40
C SER B 210 7.49 -10.65 -11.24
N VAL B 211 6.82 -10.97 -12.35
CA VAL B 211 5.39 -11.31 -12.31
C VAL B 211 5.19 -12.62 -13.09
N THR B 212 4.43 -13.58 -12.51
CA THR B 212 4.06 -14.84 -13.17
C THR B 212 2.56 -14.82 -13.36
N ALA B 213 2.11 -14.98 -14.62
CA ALA B 213 0.68 -15.00 -14.92
C ALA B 213 0.45 -15.82 -16.18
N ARG B 214 -0.78 -16.29 -16.36
CA ARG B 214 -1.17 -17.00 -17.57
C ARG B 214 -1.12 -16.01 -18.73
N ALA B 215 -0.90 -16.52 -19.95
CA ALA B 215 -0.84 -15.70 -21.17
C ALA B 215 -2.12 -14.85 -21.33
N GLU B 216 -3.30 -15.43 -21.02
CA GLU B 216 -4.54 -14.67 -21.17
C GLU B 216 -4.64 -13.50 -20.16
N VAL B 217 -3.99 -13.61 -18.99
CA VAL B 217 -3.98 -12.52 -17.98
C VAL B 217 -3.01 -11.41 -18.45
N TRP B 218 -1.86 -11.80 -19.00
CA TRP B 218 -0.90 -10.84 -19.59
C TRP B 218 -1.49 -10.16 -20.83
N GLY B 219 -2.38 -10.88 -21.54
CA GLY B 219 -2.98 -10.37 -22.76
C GLY B 219 -2.07 -10.62 -23.94
N VAL B 220 -1.28 -11.68 -23.84
CA VAL B 220 -0.38 -12.06 -24.93
C VAL B 220 -1.06 -13.20 -25.73
N PRO B 221 -0.79 -13.27 -27.05
CA PRO B 221 -1.51 -14.25 -27.88
C PRO B 221 -1.11 -15.69 -27.65
N GLY B 222 -1.90 -16.60 -28.22
CA GLY B 222 -1.60 -18.03 -28.14
C GLY B 222 -2.35 -18.72 -27.03
N GLU B 223 -1.92 -19.95 -26.71
CA GLU B 223 -2.57 -20.81 -25.68
C GLU B 223 -2.76 -19.97 -24.44
N PRO B 224 -4.02 -19.78 -24.01
CA PRO B 224 -4.27 -18.84 -22.90
C PRO B 224 -3.75 -19.26 -21.55
N ASP B 225 -3.58 -20.57 -21.36
CA ASP B 225 -3.15 -21.20 -20.11
C ASP B 225 -1.62 -21.27 -19.93
N GLU B 226 -0.81 -20.88 -20.92
CA GLU B 226 0.66 -20.88 -20.83
C GLU B 226 1.08 -19.99 -19.62
N SER B 227 1.92 -20.49 -18.68
CA SER B 227 2.37 -19.67 -17.53
C SER B 227 3.60 -18.92 -18.02
N ILE B 228 3.63 -17.58 -17.84
CA ILE B 228 4.74 -16.76 -18.34
C ILE B 228 5.25 -15.88 -17.18
N THR B 229 6.55 -15.97 -16.90
CA THR B 229 7.22 -15.12 -15.90
C THR B 229 7.92 -14.01 -16.66
N MET B 230 7.64 -12.75 -16.32
CA MET B 230 8.30 -11.59 -16.93
C MET B 230 8.95 -10.74 -15.86
N ASP B 231 10.03 -10.07 -16.21
CA ASP B 231 10.76 -9.15 -15.34
C ASP B 231 10.48 -7.73 -15.78
N ARG B 232 10.54 -6.77 -14.86
CA ARG B 232 10.30 -5.36 -15.23
C ARG B 232 11.62 -4.69 -15.52
N PHE B 233 11.61 -3.83 -16.54
CA PHE B 233 12.76 -3.07 -17.02
C PHE B 233 12.44 -1.59 -17.13
N TYR B 234 13.48 -0.76 -17.10
CA TYR B 234 13.40 0.68 -17.21
C TYR B 234 14.38 1.26 -18.22
N ALA B 235 13.91 2.25 -19.02
CA ALA B 235 14.78 3.04 -19.90
C ALA B 235 14.19 4.44 -19.99
N ALA B 236 15.06 5.45 -20.14
CA ALA B 236 14.58 6.84 -20.17
C ALA B 236 15.49 7.71 -21.03
N SER B 237 14.94 8.83 -21.48
CA SER B 237 15.72 9.80 -22.25
C SER B 237 15.21 11.15 -21.83
N ARG B 238 16.11 12.10 -21.58
CA ARG B 238 15.71 13.43 -21.12
C ARG B 238 16.48 14.52 -21.84
N THR B 239 15.85 15.69 -21.98
CA THR B 239 16.52 16.89 -22.46
C THR B 239 16.34 17.91 -21.36
N PHE B 240 17.41 18.66 -21.05
CA PHE B 240 17.38 19.74 -20.08
C PHE B 240 17.76 21.05 -20.76
N TRP B 241 17.07 22.14 -20.41
CA TRP B 241 17.40 23.50 -20.89
C TRP B 241 17.83 24.23 -19.63
N VAL B 242 19.10 24.67 -19.60
CA VAL B 242 19.74 25.21 -18.40
C VAL B 242 20.13 26.67 -18.53
N ASP B 243 19.88 27.47 -17.47
CA ASP B 243 20.38 28.85 -17.41
C ASP B 243 21.89 28.69 -17.08
N PRO B 244 22.84 29.05 -17.97
CA PRO B 244 24.28 28.85 -17.64
C PRO B 244 24.78 29.58 -16.40
N VAL B 245 24.19 30.73 -16.05
CA VAL B 245 24.65 31.48 -14.87
C VAL B 245 24.21 30.83 -13.54
N SER B 246 22.90 30.64 -13.34
CA SER B 246 22.44 30.04 -12.07
C SER B 246 22.52 28.51 -12.03
N GLY B 247 22.50 27.86 -13.19
CA GLY B 247 22.45 26.41 -13.30
C GLY B 247 21.03 25.85 -13.18
N THR B 248 20.02 26.74 -13.13
CA THR B 248 18.61 26.34 -13.02
C THR B 248 18.20 25.58 -14.29
N ILE B 249 17.51 24.45 -14.11
CA ILE B 249 16.93 23.70 -15.24
C ILE B 249 15.56 24.38 -15.42
N VAL B 250 15.44 25.21 -16.42
CA VAL B 250 14.21 26.00 -16.67
C VAL B 250 13.16 25.21 -17.41
N LYS B 251 13.57 24.17 -18.14
CA LYS B 251 12.65 23.33 -18.93
C LYS B 251 13.26 21.94 -19.07
N SER B 252 12.41 20.92 -19.16
CA SER B 252 12.90 19.56 -19.37
C SER B 252 11.87 18.79 -20.16
N GLU B 253 12.33 17.81 -20.90
CA GLU B 253 11.48 16.91 -21.69
C GLU B 253 11.89 15.54 -21.22
N GLU B 254 10.92 14.70 -20.88
CA GLU B 254 11.28 13.38 -20.35
C GLU B 254 10.47 12.28 -20.99
N HIS B 255 11.16 11.20 -21.43
CA HIS B 255 10.52 9.99 -21.96
C HIS B 255 10.93 8.89 -20.96
N GLY B 256 9.96 8.33 -20.26
CA GLY B 256 10.20 7.27 -19.28
C GLY B 256 9.48 6.03 -19.71
N TYR B 257 10.16 4.87 -19.68
CA TYR B 257 9.54 3.65 -20.18
C TYR B 257 9.82 2.52 -19.23
N GLN B 258 8.74 1.92 -18.70
CA GLN B 258 8.79 0.74 -17.83
C GLN B 258 7.94 -0.33 -18.49
N TYR B 259 8.48 -1.53 -18.60
CA TYR B 259 7.80 -2.63 -19.28
C TYR B 259 8.19 -3.98 -18.72
N TYR B 260 7.35 -4.97 -18.99
CA TYR B 260 7.61 -6.36 -18.61
C TYR B 260 8.04 -7.12 -19.84
N ALA B 261 9.01 -8.03 -19.68
CA ALA B 261 9.53 -8.83 -20.78
C ALA B 261 10.23 -10.06 -20.25
N ARG B 262 10.30 -11.12 -21.09
CA ARG B 262 11.10 -12.31 -20.77
C ARG B 262 12.55 -11.99 -21.14
N GLU B 263 12.77 -11.16 -22.18
CA GLU B 263 14.10 -10.77 -22.66
C GLU B 263 14.17 -9.24 -22.64
N ALA B 264 15.22 -8.66 -22.02
CA ALA B 264 15.38 -7.21 -21.92
C ALA B 264 15.11 -6.43 -23.21
N LEU B 265 15.65 -6.91 -24.35
CA LEU B 265 15.52 -6.13 -25.58
C LEU B 265 14.28 -6.44 -26.40
N LYS B 266 13.35 -7.24 -25.86
CA LYS B 266 12.10 -7.55 -26.55
C LYS B 266 10.92 -7.23 -25.64
N PRO B 267 10.58 -5.93 -25.42
CA PRO B 267 9.46 -5.57 -24.54
C PRO B 267 8.18 -6.29 -24.91
N GLU B 268 7.41 -6.74 -23.90
CA GLU B 268 6.18 -7.47 -24.17
C GLU B 268 4.94 -6.72 -23.72
N VAL B 269 4.95 -6.20 -22.48
CA VAL B 269 3.75 -5.55 -21.88
C VAL B 269 4.19 -4.26 -21.23
N THR B 270 3.62 -3.14 -21.67
CA THR B 270 4.01 -1.83 -21.11
C THR B 270 3.44 -1.68 -19.71
N TYR B 271 4.23 -1.16 -18.77
CA TYR B 271 3.73 -0.81 -17.45
C TYR B 271 3.40 0.70 -17.49
N VAL B 272 4.40 1.54 -17.82
CA VAL B 272 4.20 2.98 -18.03
C VAL B 272 5.15 3.43 -19.14
N ASP B 273 4.65 4.10 -20.15
CA ASP B 273 5.49 4.65 -21.23
C ASP B 273 5.01 6.07 -21.42
N PHE B 274 5.74 7.06 -20.90
CA PHE B 274 5.22 8.44 -21.02
C PHE B 274 6.24 9.38 -21.69
N LYS B 275 5.74 10.46 -22.28
CA LYS B 275 6.59 11.52 -22.85
C LYS B 275 5.96 12.83 -22.42
N VAL B 276 6.70 13.63 -21.63
CA VAL B 276 6.17 14.89 -21.09
C VAL B 276 7.19 16.03 -21.28
N THR B 277 6.73 17.28 -21.26
CA THR B 277 7.59 18.47 -21.35
C THR B 277 7.04 19.49 -20.34
N THR B 278 7.92 20.23 -19.67
CA THR B 278 7.57 21.30 -18.71
C THR B 278 6.54 22.19 -19.34
N ASN B 279 5.44 22.43 -18.63
CA ASN B 279 4.39 23.26 -19.25
C ASN B 279 4.75 24.75 -19.19
N GLU B 280 4.07 25.56 -20.01
CA GLU B 280 4.37 26.99 -20.15
C GLU B 280 4.44 27.76 -18.82
N GLU B 281 3.49 27.55 -17.91
CA GLU B 281 3.48 28.25 -16.60
C GLU B 281 4.69 27.83 -15.75
N SER B 282 5.10 26.56 -15.83
CA SER B 282 6.27 26.09 -15.04
C SER B 282 7.57 26.61 -15.62
N VAL B 283 7.65 26.74 -16.96
CA VAL B 283 8.83 27.30 -17.62
C VAL B 283 8.95 28.79 -17.20
N GLU B 284 7.84 29.53 -17.26
CA GLU B 284 7.80 30.95 -16.87
C GLU B 284 8.27 31.14 -15.40
N SER B 285 7.81 30.27 -14.50
CA SER B 285 8.18 30.28 -13.10
C SER B 285 9.69 30.04 -12.95
N GLN B 286 10.26 29.08 -13.70
CA GLN B 286 11.71 28.79 -13.58
C GLN B 286 12.56 29.90 -14.19
N VAL B 287 12.09 30.48 -15.30
CA VAL B 287 12.81 31.57 -15.93
C VAL B 287 12.86 32.77 -14.97
N ALA B 288 11.74 33.05 -14.27
CA ALA B 288 11.66 34.12 -13.26
C ALA B 288 12.59 33.85 -12.09
N ALA B 289 12.60 32.60 -11.57
CA ALA B 289 13.46 32.20 -10.43
C ALA B 289 14.94 32.31 -10.82
N ALA B 290 15.30 31.86 -12.03
CA ALA B 290 16.69 31.95 -12.53
C ALA B 290 17.11 33.42 -12.67
N SER B 291 16.20 34.29 -13.19
CA SER B 291 16.46 35.72 -13.36
CA SER B 291 16.45 35.72 -13.35
C SER B 291 16.72 36.40 -11.99
N ASP B 292 15.93 36.02 -10.94
CA ASP B 292 16.09 36.56 -9.58
C ASP B 292 17.43 36.10 -8.97
N GLU B 293 17.83 34.85 -9.23
CA GLU B 293 19.12 34.33 -8.75
C GLU B 293 20.28 35.07 -9.45
N ARG B 294 20.17 35.30 -10.76
CA ARG B 294 21.18 36.04 -11.52
C ARG B 294 21.35 37.47 -10.99
N ASP B 295 20.24 38.15 -10.62
CA ASP B 295 20.24 39.51 -10.06
C ASP B 295 20.95 39.54 -8.70
N ARG B 296 20.69 38.53 -7.86
CA ARG B 296 21.32 38.42 -6.55
C ARG B 296 22.81 38.11 -6.68
N ILE B 297 23.20 37.16 -7.58
CA ILE B 297 24.62 36.83 -7.83
C ILE B 297 25.34 38.08 -8.29
N ALA B 298 24.73 38.84 -9.24
CA ALA B 298 25.30 40.08 -9.80
C ALA B 298 25.57 41.12 -8.71
N LEU B 299 24.57 41.35 -7.82
CA LEU B 299 24.68 42.28 -6.70
C LEU B 299 25.85 41.91 -5.79
N TRP B 300 25.94 40.63 -5.38
CA TRP B 300 27.03 40.17 -4.52
C TRP B 300 28.37 40.22 -5.19
N THR B 301 28.45 39.84 -6.47
CA THR B 301 29.73 39.89 -7.21
C THR B 301 30.22 41.33 -7.35
N ARG B 302 29.32 42.27 -7.74
CA ARG B 302 29.66 43.70 -7.89
C ARG B 302 30.11 44.31 -6.56
N SER B 303 29.52 43.86 -5.42
CA SER B 303 29.91 44.36 -4.10
C SER B 303 31.32 43.91 -3.75
N ARG B 304 31.70 42.68 -4.11
CA ARG B 304 33.02 42.10 -3.84
C ARG B 304 34.10 42.79 -4.67
N HIS B 305 33.78 43.14 -5.93
CA HIS B 305 34.71 43.81 -6.85
C HIS B 305 34.13 45.16 -7.29
S SO4 C . -18.32 -38.44 35.56
O1 SO4 C . -18.50 -37.10 34.95
O2 SO4 C . -16.92 -38.67 35.89
O3 SO4 C . -19.13 -38.49 36.76
O4 SO4 C . -18.76 -39.47 34.63
S SO4 D . -8.30 10.59 24.33
O1 SO4 D . -8.92 11.76 24.97
O2 SO4 D . -6.86 10.62 24.53
O3 SO4 D . -8.84 9.37 24.94
O4 SO4 D . -8.59 10.65 22.92
C1 GOL E . -18.73 -25.46 31.37
O1 GOL E . -18.28 -25.17 32.69
C2 GOL E . -19.14 -24.22 30.62
O2 GOL E . -18.30 -23.13 30.98
C3 GOL E . -19.02 -24.54 29.14
O3 GOL E . -18.83 -23.41 28.29
#